data_9LDO
#
_entry.id   9LDO
#
_cell.length_a   41.983
_cell.length_b   41.137
_cell.length_c   72.435
_cell.angle_alpha   90.000
_cell.angle_beta   104.301
_cell.angle_gamma   90.000
#
_symmetry.space_group_name_H-M   'P 1 21 1'
#
loop_
_entity.id
_entity.type
_entity.pdbx_description
1 polymer 'Carbonic anhydrase 2'
2 non-polymer 'ZINC ION'
3 water water
#
_entity_poly.entity_id   1
_entity_poly.type   'polypeptide(L)'
_entity_poly.pdbx_seq_one_letter_code
;MSHHWGYGKHNGPEHWHKDFPIAKGERQSPVDIDTHTAKYDPSLKPLSVSYDQATSLRILNNGHAFNVEFDDSQDKAVLK
GGPLDGTYRLIQFHFHWGSLDGQGSEHTVDKKKYAAELHLVHWNTKYGDFGKAVQQPDGLAVLGIFLKVGSAKPGLQKVV
DVLDSIKTKGKSADFTNFDPRGLLPESLDYWTYPGSLTTPPLLECVTWIVLKEPISVSSEQVLKFRKLNFNGEGEPEELM
VDNWRPAQPLKNRQIKASFK
;
_entity_poly.pdbx_strand_id   A
#
loop_
_chem_comp.id
_chem_comp.type
_chem_comp.name
_chem_comp.formula
ZN non-polymer 'ZINC ION' 'Zn 2'
#
# COMPACT_ATOMS: atom_id res chain seq x y z
N HIS A 4 9.92 3.42 -19.83
CA HIS A 4 9.57 2.43 -18.77
C HIS A 4 8.21 2.80 -18.22
N TRP A 5 7.67 1.89 -17.45
CA TRP A 5 6.30 2.04 -16.97
C TRP A 5 6.19 3.23 -16.04
N GLY A 6 4.99 3.76 -15.93
CA GLY A 6 4.70 4.85 -15.01
C GLY A 6 3.20 4.99 -14.84
N TYR A 7 2.76 6.23 -14.70
CA TYR A 7 1.33 6.50 -14.51
C TYR A 7 0.67 7.38 -15.62
N GLY A 8 1.41 7.76 -16.67
CA GLY A 8 0.88 8.63 -17.73
C GLY A 8 0.07 7.92 -18.82
N LYS A 9 -0.32 8.74 -19.78
CA LYS A 9 -1.10 8.32 -20.92
C LYS A 9 -0.38 7.25 -21.72
N HIS A 10 0.93 7.45 -21.88
CA HIS A 10 1.66 6.62 -22.79
C HIS A 10 2.36 5.50 -22.06
N ASN A 11 2.39 5.51 -20.70
CA ASN A 11 3.10 4.47 -19.98
C ASN A 11 2.38 4.01 -18.72
N GLY A 12 1.12 4.40 -18.57
CA GLY A 12 0.35 4.11 -17.37
C GLY A 12 -0.26 2.72 -17.38
N PRO A 13 -1.11 2.45 -16.36
CA PRO A 13 -1.63 1.11 -16.14
C PRO A 13 -2.18 0.38 -17.34
N GLU A 14 -2.79 1.10 -18.29
N GLU A 14 -2.84 1.05 -18.30
CA GLU A 14 -3.40 0.48 -19.45
CA GLU A 14 -3.41 0.34 -19.45
C GLU A 14 -2.36 -0.03 -20.45
C GLU A 14 -2.32 -0.17 -20.39
N HIS A 15 -1.08 0.32 -20.24
CA HIS A 15 0.01 -0.15 -21.06
C HIS A 15 0.87 -1.25 -20.42
N TRP A 16 0.74 -1.45 -19.10
CA TRP A 16 1.66 -2.33 -18.38
C TRP A 16 1.67 -3.76 -18.91
N HIS A 17 0.55 -4.24 -19.44
CA HIS A 17 0.47 -5.62 -19.89
C HIS A 17 1.47 -5.95 -21.01
N LYS A 18 1.93 -4.94 -21.75
CA LYS A 18 2.86 -5.21 -22.84
C LYS A 18 4.20 -5.71 -22.31
N ASP A 19 4.70 -5.08 -21.26
CA ASP A 19 5.94 -5.56 -20.66
C ASP A 19 5.73 -6.61 -19.56
N PHE A 20 4.52 -6.64 -18.98
CA PHE A 20 4.20 -7.52 -17.87
C PHE A 20 2.85 -8.16 -18.15
N PRO A 21 2.82 -9.22 -18.97
CA PRO A 21 1.56 -9.82 -19.37
C PRO A 21 0.68 -10.32 -18.23
N ILE A 22 1.27 -10.60 -17.07
N ILE A 22 1.27 -10.61 -17.07
CA ILE A 22 0.49 -11.01 -15.91
CA ILE A 22 0.52 -11.00 -15.88
C ILE A 22 -0.47 -9.89 -15.46
C ILE A 22 -0.51 -9.92 -15.51
N ALA A 23 -0.33 -8.69 -16.02
CA ALA A 23 -1.28 -7.62 -15.77
C ALA A 23 -2.71 -8.03 -16.10
N LYS A 24 -2.90 -9.00 -16.99
CA LYS A 24 -4.22 -9.48 -17.36
C LYS A 24 -4.47 -10.86 -16.74
N GLY A 25 -3.79 -11.19 -15.63
CA GLY A 25 -3.90 -12.50 -14.98
C GLY A 25 -5.18 -12.68 -14.15
N GLU A 26 -5.16 -13.79 -13.45
CA GLU A 26 -6.34 -14.26 -12.75
C GLU A 26 -6.42 -13.72 -11.33
N ARG A 27 -5.34 -13.11 -10.79
CA ARG A 27 -5.39 -12.64 -9.41
C ARG A 27 -4.71 -11.30 -9.27
N GLN A 28 -5.15 -10.36 -10.08
CA GLN A 28 -4.58 -9.01 -10.08
C GLN A 28 -5.24 -8.12 -9.04
N SER A 29 -4.44 -7.15 -8.61
CA SER A 29 -4.87 -6.16 -7.65
C SER A 29 -4.62 -4.76 -8.18
N PRO A 30 -5.31 -3.75 -7.66
CA PRO A 30 -6.37 -3.80 -6.66
C PRO A 30 -7.69 -4.27 -7.26
N VAL A 31 -8.72 -4.34 -6.41
CA VAL A 31 -10.07 -4.71 -6.76
C VAL A 31 -11.03 -3.76 -6.05
N ASP A 32 -12.26 -3.69 -6.58
CA ASP A 32 -13.37 -3.11 -5.84
C ASP A 32 -13.86 -4.12 -4.83
N ILE A 33 -14.06 -3.64 -3.61
CA ILE A 33 -14.61 -4.45 -2.51
C ILE A 33 -16.09 -4.16 -2.45
N ASP A 34 -16.89 -5.13 -2.88
N ASP A 34 -16.88 -5.12 -2.89
CA ASP A 34 -18.34 -5.05 -2.81
CA ASP A 34 -18.32 -5.03 -2.82
C ASP A 34 -18.75 -5.53 -1.42
C ASP A 34 -18.72 -5.53 -1.42
N THR A 35 -19.11 -4.58 -0.56
CA THR A 35 -19.30 -4.89 0.84
C THR A 35 -20.46 -5.80 1.09
N HIS A 36 -21.44 -5.81 0.19
CA HIS A 36 -22.59 -6.67 0.44
CA HIS A 36 -22.62 -6.64 0.32
C HIS A 36 -22.32 -8.10 0.00
N THR A 37 -21.37 -8.27 -0.94
N THR A 37 -21.36 -8.38 -0.89
CA THR A 37 -20.96 -9.57 -1.46
CA THR A 37 -21.08 -9.77 -1.26
C THR A 37 -19.95 -10.27 -0.54
C THR A 37 -19.79 -10.33 -0.66
N ALA A 38 -19.05 -9.50 0.08
CA ALA A 38 -17.96 -10.02 0.88
C ALA A 38 -18.60 -10.83 2.00
N LYS A 39 -18.12 -12.04 2.20
CA LYS A 39 -18.76 -12.86 3.22
C LYS A 39 -17.96 -12.81 4.51
N TYR A 40 -18.69 -12.60 5.60
CA TYR A 40 -18.13 -12.74 6.93
C TYR A 40 -17.64 -14.19 7.09
N ASP A 41 -16.41 -14.32 7.53
CA ASP A 41 -15.81 -15.62 7.71
C ASP A 41 -15.44 -15.76 9.17
N PRO A 42 -16.22 -16.52 9.97
CA PRO A 42 -15.95 -16.66 11.39
C PRO A 42 -14.64 -17.39 11.69
N SER A 43 -14.10 -18.09 10.69
CA SER A 43 -12.83 -18.78 10.84
C SER A 43 -11.63 -17.82 10.78
N LEU A 44 -11.79 -16.59 10.27
CA LEU A 44 -10.70 -15.62 10.20
C LEU A 44 -10.35 -15.15 11.60
N LYS A 45 -9.05 -14.97 11.84
CA LYS A 45 -8.58 -14.57 13.15
C LYS A 45 -8.33 -13.08 13.21
N PRO A 46 -8.27 -12.52 14.45
CA PRO A 46 -7.81 -11.16 14.59
C PRO A 46 -6.45 -11.00 13.97
N LEU A 47 -6.22 -9.87 13.36
CA LEU A 47 -4.93 -9.50 12.82
CA LEU A 47 -4.91 -9.62 12.80
C LEU A 47 -3.95 -9.33 13.96
N SER A 48 -2.71 -9.82 13.87
CA SER A 48 -1.68 -9.49 14.84
C SER A 48 -0.63 -8.61 14.16
N VAL A 49 -0.61 -7.34 14.56
CA VAL A 49 0.35 -6.38 14.04
C VAL A 49 1.32 -6.08 15.17
N SER A 50 2.57 -6.53 15.07
CA SER A 50 3.55 -6.37 16.14
C SER A 50 4.69 -5.50 15.65
N TYR A 51 4.53 -4.20 15.87
CA TYR A 51 5.42 -3.17 15.36
C TYR A 51 6.24 -2.51 16.47
N ASP A 52 6.16 -3.01 17.72
CA ASP A 52 6.87 -2.43 18.85
C ASP A 52 8.39 -2.31 18.62
N GLN A 53 9.03 -3.21 17.87
CA GLN A 53 10.47 -3.13 17.65
C GLN A 53 10.83 -2.71 16.23
N ALA A 54 9.89 -2.13 15.49
CA ALA A 54 10.18 -1.73 14.12
C ALA A 54 11.33 -0.73 14.08
N THR A 55 12.25 -0.93 13.11
CA THR A 55 13.43 -0.09 12.93
C THR A 55 13.41 0.46 11.52
N SER A 56 12.91 1.66 11.38
CA SER A 56 12.95 2.31 10.10
C SER A 56 14.39 2.73 9.88
N LEU A 57 14.78 2.77 8.61
CA LEU A 57 16.12 3.19 8.30
C LEU A 57 16.17 4.41 7.40
N ARG A 58 15.29 4.50 6.44
CA ARG A 58 15.52 5.44 5.37
C ARG A 58 14.23 5.63 4.58
N ILE A 59 14.14 6.78 3.88
CA ILE A 59 13.02 7.06 3.01
C ILE A 59 13.60 7.33 1.64
N LEU A 60 12.92 6.81 0.63
CA LEU A 60 13.38 6.86 -0.73
C LEU A 60 12.30 7.31 -1.74
N ASN A 61 12.62 8.26 -2.64
CA ASN A 61 11.76 8.56 -3.78
C ASN A 61 12.23 7.68 -4.93
N ASN A 62 11.43 6.67 -5.28
CA ASN A 62 11.87 5.72 -6.29
C ASN A 62 11.31 6.08 -7.66
N GLY A 63 10.72 7.25 -7.80
CA GLY A 63 10.20 7.69 -9.07
C GLY A 63 8.72 7.33 -9.30
N HIS A 64 8.13 6.45 -8.50
N HIS A 64 8.10 6.57 -8.39
CA HIS A 64 6.69 6.24 -8.55
CA HIS A 64 6.73 6.09 -8.52
C HIS A 64 6.02 6.61 -7.24
C HIS A 64 5.95 6.24 -7.21
N ALA A 65 6.68 6.40 -6.12
CA ALA A 65 6.18 6.69 -4.80
C ALA A 65 7.37 7.03 -3.93
N PHE A 66 7.14 7.17 -2.64
CA PHE A 66 8.22 7.13 -1.67
C PHE A 66 8.04 5.92 -0.76
N ASN A 67 9.16 5.25 -0.48
CA ASN A 67 9.15 4.08 0.41
C ASN A 67 9.84 4.42 1.74
N VAL A 68 9.16 4.17 2.87
CA VAL A 68 9.79 4.19 4.19
C VAL A 68 10.28 2.74 4.44
N GLU A 69 11.59 2.60 4.57
CA GLU A 69 12.20 1.28 4.60
C GLU A 69 12.55 0.88 6.02
N PHE A 70 12.49 -0.40 6.24
CA PHE A 70 12.78 -0.94 7.55
C PHE A 70 13.94 -1.91 7.47
N ASP A 71 14.55 -2.13 8.63
CA ASP A 71 15.51 -3.19 8.80
C ASP A 71 14.71 -4.48 8.94
N ASP A 72 14.79 -5.31 7.92
CA ASP A 72 14.08 -6.58 7.91
C ASP A 72 15.07 -7.74 8.03
N SER A 73 16.22 -7.52 8.70
CA SER A 73 17.26 -8.55 8.90
C SER A 73 16.97 -9.42 10.12
N GLN A 74 16.00 -9.01 10.92
CA GLN A 74 15.60 -9.77 12.09
C GLN A 74 14.10 -9.70 12.24
N ASP A 75 13.59 -10.53 13.15
CA ASP A 75 12.14 -10.57 13.38
CA ASP A 75 12.23 -10.70 13.57
C ASP A 75 11.80 -9.48 14.41
N LYS A 76 11.47 -8.33 13.81
CA LYS A 76 11.22 -7.10 14.58
C LYS A 76 9.92 -6.31 14.40
N ALA A 77 9.37 -6.40 13.24
CA ALA A 77 8.10 -5.80 12.87
C ALA A 77 7.33 -6.80 12.04
N VAL A 78 6.42 -7.56 12.66
CA VAL A 78 5.82 -8.67 11.94
C VAL A 78 4.31 -8.63 11.97
N LEU A 79 3.74 -9.17 10.90
CA LEU A 79 2.32 -9.37 10.72
C LEU A 79 2.04 -10.85 10.73
N LYS A 80 1.04 -11.26 11.53
CA LYS A 80 0.66 -12.65 11.61
C LYS A 80 -0.82 -12.70 11.92
N GLY A 81 -1.37 -13.92 11.97
CA GLY A 81 -2.78 -14.07 12.28
C GLY A 81 -3.61 -13.57 11.12
N GLY A 82 -4.82 -13.12 11.43
CA GLY A 82 -5.68 -12.72 10.33
C GLY A 82 -5.94 -13.96 9.48
N PRO A 83 -5.84 -13.83 8.13
CA PRO A 83 -5.93 -14.94 7.20
C PRO A 83 -4.62 -15.71 7.02
N LEU A 84 -3.54 -15.28 7.66
CA LEU A 84 -2.21 -15.73 7.35
C LEU A 84 -1.85 -17.00 8.12
N ASP A 85 -0.99 -17.80 7.53
CA ASP A 85 -0.27 -18.91 8.13
CA ASP A 85 -0.30 -18.87 8.23
C ASP A 85 1.17 -18.42 8.32
N GLY A 86 1.77 -18.55 9.48
CA GLY A 86 3.13 -18.10 9.66
C GLY A 86 3.29 -16.57 9.74
N THR A 87 4.55 -16.14 9.56
CA THR A 87 5.07 -14.86 10.01
C THR A 87 5.60 -14.06 8.84
N TYR A 88 5.18 -12.80 8.78
CA TYR A 88 5.55 -11.92 7.68
C TYR A 88 6.24 -10.69 8.22
N ARG A 89 7.40 -10.38 7.67
CA ARG A 89 8.18 -9.29 8.20
CA ARG A 89 8.32 -9.32 8.12
C ARG A 89 8.06 -8.02 7.35
N LEU A 90 7.94 -6.89 8.04
CA LEU A 90 7.78 -5.59 7.39
C LEU A 90 9.08 -5.22 6.68
N ILE A 91 8.98 -4.92 5.40
CA ILE A 91 10.12 -4.42 4.63
C ILE A 91 9.98 -2.93 4.32
N GLN A 92 8.79 -2.45 3.94
CA GLN A 92 8.63 -1.03 3.61
C GLN A 92 7.16 -0.69 3.62
N PHE A 93 6.88 0.59 3.74
CA PHE A 93 5.56 1.09 3.41
C PHE A 93 5.67 2.24 2.44
N HIS A 94 4.56 2.46 1.73
CA HIS A 94 4.42 3.53 0.81
C HIS A 94 2.95 3.85 0.65
N PHE A 95 2.67 4.91 -0.14
CA PHE A 95 1.30 5.35 -0.40
C PHE A 95 1.08 5.45 -1.89
N HIS A 96 -0.22 5.47 -2.23
CA HIS A 96 -0.74 5.88 -3.50
C HIS A 96 -1.72 7.04 -3.25
N TRP A 97 -1.73 8.06 -4.11
CA TRP A 97 -2.58 9.20 -3.88
C TRP A 97 -2.92 9.89 -5.19
N GLY A 98 -3.89 10.81 -5.07
CA GLY A 98 -4.45 11.46 -6.23
C GLY A 98 -3.97 12.88 -6.41
N SER A 99 -4.41 13.47 -7.52
CA SER A 99 -4.26 14.88 -7.76
C SER A 99 -5.28 15.73 -7.01
N LEU A 100 -6.41 15.13 -6.63
CA LEU A 100 -7.47 15.73 -5.87
C LEU A 100 -7.97 14.72 -4.89
N ASP A 101 -8.75 15.15 -3.91
CA ASP A 101 -9.11 14.28 -2.79
C ASP A 101 -10.06 13.16 -3.22
N GLY A 102 -10.78 13.34 -4.34
CA GLY A 102 -11.75 12.36 -4.82
C GLY A 102 -11.18 11.13 -5.51
N GLN A 103 -9.86 11.03 -5.67
N GLN A 103 -9.86 10.98 -5.51
CA GLN A 103 -9.25 9.81 -6.14
CA GLN A 103 -9.23 9.81 -6.10
C GLN A 103 -7.89 9.65 -5.46
C GLN A 103 -7.85 9.67 -5.48
N GLY A 104 -7.30 8.46 -5.63
CA GLY A 104 -6.00 8.18 -5.09
C GLY A 104 -5.86 6.76 -4.57
N SER A 105 -6.94 6.19 -4.00
CA SER A 105 -6.83 4.83 -3.53
C SER A 105 -6.80 3.88 -4.71
N GLU A 106 -6.27 2.69 -4.43
CA GLU A 106 -6.19 1.59 -5.38
C GLU A 106 -7.40 0.69 -5.19
N HIS A 107 -7.54 0.10 -4.00
CA HIS A 107 -8.82 -0.55 -3.67
C HIS A 107 -9.89 0.54 -3.58
N THR A 108 -11.12 0.10 -3.90
CA THR A 108 -12.31 0.90 -3.71
C THR A 108 -13.30 0.09 -2.88
N VAL A 109 -14.28 0.80 -2.29
CA VAL A 109 -15.25 0.17 -1.42
C VAL A 109 -16.62 0.55 -1.97
N ASP A 110 -17.32 -0.42 -2.56
CA ASP A 110 -18.57 -0.09 -3.24
C ASP A 110 -18.36 1.08 -4.21
N LYS A 111 -17.23 1.00 -4.91
CA LYS A 111 -16.82 1.97 -5.96
C LYS A 111 -16.34 3.29 -5.36
N LYS A 112 -16.37 3.48 -4.05
CA LYS A 112 -15.83 4.69 -3.45
C LYS A 112 -14.30 4.67 -3.51
N LYS A 113 -13.76 5.79 -4.00
CA LYS A 113 -12.33 6.04 -4.00
C LYS A 113 -11.99 6.95 -2.82
N TYR A 114 -10.96 6.56 -2.08
CA TYR A 114 -10.39 7.37 -1.03
C TYR A 114 -9.30 8.29 -1.61
N ALA A 115 -8.90 9.27 -0.79
CA ALA A 115 -7.87 10.22 -1.23
C ALA A 115 -6.51 9.56 -1.39
N ALA A 116 -6.24 8.51 -0.65
CA ALA A 116 -4.97 7.83 -0.68
C ALA A 116 -5.12 6.46 -0.07
N GLU A 117 -4.07 5.67 -0.24
CA GLU A 117 -4.00 4.33 0.33
C GLU A 117 -2.56 4.05 0.74
N LEU A 118 -2.40 3.58 1.97
CA LEU A 118 -1.14 3.18 2.58
C LEU A 118 -1.00 1.67 2.43
N HIS A 119 0.17 1.22 1.97
CA HIS A 119 0.50 -0.18 1.84
C HIS A 119 1.72 -0.48 2.71
N LEU A 120 1.54 -1.33 3.73
CA LEU A 120 2.61 -1.87 4.53
C LEU A 120 2.91 -3.25 4.02
N VAL A 121 4.10 -3.41 3.42
CA VAL A 121 4.48 -4.61 2.69
C VAL A 121 5.33 -5.51 3.58
N HIS A 122 4.92 -6.79 3.66
CA HIS A 122 5.59 -7.77 4.50
C HIS A 122 5.85 -9.06 3.70
N TRP A 123 6.99 -9.71 3.97
CA TRP A 123 7.33 -10.96 3.28
C TRP A 123 7.36 -12.12 4.24
N ASN A 124 6.97 -13.28 3.70
CA ASN A 124 6.84 -14.51 4.47
C ASN A 124 8.23 -15.06 4.82
N THR A 125 8.50 -15.17 6.12
CA THR A 125 9.84 -15.54 6.58
C THR A 125 10.21 -16.95 6.10
N LYS A 126 9.21 -17.77 5.73
CA LYS A 126 9.54 -19.12 5.33
C LYS A 126 10.29 -19.13 3.99
N TYR A 127 10.33 -18.00 3.23
CA TYR A 127 11.08 -17.94 1.98
C TYR A 127 12.42 -17.18 2.11
N GLY A 128 12.74 -16.69 3.33
CA GLY A 128 14.08 -16.24 3.58
C GLY A 128 14.42 -14.81 3.14
N ASP A 129 13.96 -14.33 1.98
CA ASP A 129 14.16 -12.96 1.52
C ASP A 129 12.98 -12.54 0.66
N PHE A 130 12.89 -11.21 0.48
CA PHE A 130 11.81 -10.64 -0.31
C PHE A 130 11.82 -11.15 -1.74
N GLY A 131 13.00 -11.21 -2.37
CA GLY A 131 13.09 -11.61 -3.77
C GLY A 131 12.60 -13.02 -4.01
N LYS A 132 12.85 -13.93 -3.05
CA LYS A 132 12.32 -15.29 -3.14
C LYS A 132 10.83 -15.30 -2.81
N ALA A 133 10.40 -14.50 -1.84
CA ALA A 133 8.98 -14.49 -1.45
C ALA A 133 8.08 -14.08 -2.60
N VAL A 134 8.48 -13.08 -3.42
CA VAL A 134 7.58 -12.63 -4.49
C VAL A 134 7.36 -13.67 -5.58
N GLN A 135 8.11 -14.77 -5.55
CA GLN A 135 7.93 -15.85 -6.50
C GLN A 135 6.94 -16.90 -6.00
N GLN A 136 6.28 -16.66 -4.87
CA GLN A 136 5.40 -17.63 -4.24
C GLN A 136 4.01 -17.07 -4.07
N PRO A 137 2.98 -17.91 -4.16
CA PRO A 137 1.61 -17.37 -4.07
C PRO A 137 1.25 -16.85 -2.68
N ASP A 138 1.96 -17.34 -1.66
CA ASP A 138 1.79 -16.84 -0.30
C ASP A 138 3.03 -16.13 0.19
N GLY A 139 3.72 -15.44 -0.72
CA GLY A 139 4.98 -14.81 -0.35
C GLY A 139 4.87 -13.50 0.41
N LEU A 140 3.84 -12.70 0.12
CA LEU A 140 3.71 -11.38 0.72
C LEU A 140 2.37 -11.25 1.42
N ALA A 141 2.33 -10.36 2.42
CA ALA A 141 1.09 -9.88 3.03
C ALA A 141 1.17 -8.38 3.00
N VAL A 142 0.19 -7.75 2.35
CA VAL A 142 0.15 -6.31 2.31
C VAL A 142 -1.04 -5.86 3.10
N LEU A 143 -0.77 -4.99 4.09
CA LEU A 143 -1.80 -4.33 4.89
C LEU A 143 -2.11 -3.00 4.22
N GLY A 144 -3.35 -2.87 3.76
CA GLY A 144 -3.81 -1.67 3.08
C GLY A 144 -4.72 -0.85 3.98
N ILE A 145 -4.47 0.45 4.02
CA ILE A 145 -5.19 1.35 4.91
C ILE A 145 -5.58 2.56 4.08
N PHE A 146 -6.87 2.88 4.08
CA PHE A 146 -7.38 4.04 3.35
C PHE A 146 -7.08 5.31 4.12
N LEU A 147 -6.88 6.39 3.35
CA LEU A 147 -6.75 7.75 3.88
C LEU A 147 -7.90 8.58 3.34
N LYS A 148 -8.58 9.29 4.27
CA LYS A 148 -9.50 10.36 3.94
C LYS A 148 -8.96 11.68 4.46
N VAL A 149 -9.41 12.78 3.87
CA VAL A 149 -8.96 14.11 4.27
C VAL A 149 -9.91 14.69 5.31
N GLY A 150 -9.34 15.06 6.44
CA GLY A 150 -10.09 15.72 7.49
C GLY A 150 -9.09 16.22 8.52
N SER A 151 -9.16 15.66 9.74
N SER A 151 -9.14 15.66 9.75
CA SER A 151 -8.19 15.96 10.78
CA SER A 151 -8.18 15.97 10.78
C SER A 151 -6.82 15.41 10.41
C SER A 151 -6.81 15.42 10.41
N ALA A 152 -5.77 16.13 10.83
CA ALA A 152 -4.42 15.66 10.63
C ALA A 152 -4.16 14.36 11.40
N LYS A 153 -3.25 13.56 10.84
CA LYS A 153 -2.76 12.35 11.50
C LYS A 153 -1.42 12.70 12.12
N PRO A 154 -1.35 12.90 13.45
CA PRO A 154 -0.11 13.41 14.02
C PRO A 154 1.09 12.54 13.69
N GLY A 155 0.86 11.21 13.66
CA GLY A 155 1.90 10.23 13.42
C GLY A 155 2.43 10.19 12.00
N LEU A 156 1.78 10.88 11.06
CA LEU A 156 2.24 11.02 9.69
C LEU A 156 3.19 12.21 9.50
N GLN A 157 3.17 13.16 10.43
CA GLN A 157 3.77 14.46 10.14
C GLN A 157 5.28 14.28 9.93
N LYS A 158 5.97 13.40 10.66
CA LYS A 158 7.40 13.17 10.44
C LYS A 158 7.72 12.77 8.99
N VAL A 159 6.86 11.96 8.40
CA VAL A 159 6.99 11.58 7.00
C VAL A 159 6.81 12.80 6.11
N VAL A 160 5.75 13.55 6.31
CA VAL A 160 5.46 14.75 5.55
C VAL A 160 6.66 15.70 5.55
N ASP A 161 7.28 15.89 6.70
N ASP A 161 7.19 15.93 6.76
CA ASP A 161 8.26 16.96 6.83
CA ASP A 161 8.32 16.81 7.05
C ASP A 161 9.62 16.56 6.26
C ASP A 161 9.48 16.57 6.07
N VAL A 162 9.82 15.29 5.86
CA VAL A 162 11.06 14.89 5.19
C VAL A 162 10.93 14.91 3.65
N LEU A 163 9.72 15.05 3.12
CA LEU A 163 9.49 14.92 1.68
C LEU A 163 10.20 16.01 0.87
N ASP A 164 10.36 17.20 1.46
CA ASP A 164 11.09 18.27 0.78
C ASP A 164 12.51 17.84 0.42
N SER A 165 13.08 16.89 1.16
CA SER A 165 14.45 16.46 0.95
C SER A 165 14.58 15.32 -0.04
N ILE A 166 13.44 14.75 -0.50
CA ILE A 166 13.47 13.68 -1.46
C ILE A 166 12.49 14.01 -2.59
N LYS A 167 12.58 15.25 -3.10
CA LYS A 167 11.56 15.72 -4.02
C LYS A 167 11.55 14.89 -5.31
N THR A 168 12.74 14.52 -5.77
CA THR A 168 12.88 13.94 -7.08
C THR A 168 13.42 12.50 -7.01
N LYS A 169 13.13 11.78 -8.11
CA LYS A 169 13.44 10.37 -8.21
C LYS A 169 14.90 10.10 -7.93
N GLY A 170 15.15 9.09 -7.09
CA GLY A 170 16.52 8.73 -6.81
C GLY A 170 17.05 9.37 -5.55
N LYS A 171 16.38 10.38 -5.01
CA LYS A 171 16.78 10.93 -3.74
C LYS A 171 16.29 10.09 -2.56
N SER A 172 17.19 9.89 -1.62
CA SER A 172 16.88 9.26 -0.37
C SER A 172 17.40 10.10 0.80
N ALA A 173 16.88 9.78 1.99
CA ALA A 173 17.27 10.40 3.25
C ALA A 173 17.17 9.43 4.41
N ASP A 174 18.08 9.60 5.35
CA ASP A 174 18.06 8.86 6.59
C ASP A 174 16.71 9.06 7.25
N PHE A 175 16.15 7.96 7.75
CA PHE A 175 14.82 8.07 8.30
C PHE A 175 14.65 7.01 9.37
N THR A 176 15.29 7.28 10.49
CA THR A 176 15.33 6.36 11.60
C THR A 176 14.28 6.70 12.62
N ASN A 177 13.95 5.71 13.43
CA ASN A 177 13.09 5.81 14.59
C ASN A 177 11.65 6.20 14.28
N PHE A 178 11.17 5.94 13.07
CA PHE A 178 9.79 6.22 12.78
C PHE A 178 8.93 5.03 13.18
N ASP A 179 7.83 5.29 13.88
CA ASP A 179 6.97 4.27 14.45
C ASP A 179 5.73 4.12 13.61
N PRO A 180 5.60 3.05 12.79
CA PRO A 180 4.43 2.91 11.93
C PRO A 180 3.12 2.67 12.69
N ARG A 181 3.20 2.40 14.01
CA ARG A 181 1.95 2.26 14.78
C ARG A 181 1.15 3.55 14.71
N GLY A 182 1.82 4.69 14.49
CA GLY A 182 1.12 5.94 14.40
C GLY A 182 0.32 6.15 13.14
N LEU A 183 0.31 5.17 12.21
CA LEU A 183 -0.45 5.23 10.98
C LEU A 183 -1.66 4.30 10.99
N LEU A 184 -1.89 3.60 12.10
CA LEU A 184 -2.95 2.59 12.14
C LEU A 184 -4.26 3.15 12.70
N PRO A 185 -5.39 2.77 12.13
CA PRO A 185 -6.67 3.19 12.67
C PRO A 185 -6.97 2.41 13.95
N GLU A 186 -8.03 2.77 14.60
CA GLU A 186 -8.38 2.10 15.84
C GLU A 186 -8.73 0.64 15.65
N SER A 187 -9.62 0.36 14.70
CA SER A 187 -10.07 -0.99 14.42
C SER A 187 -9.14 -1.71 13.48
N LEU A 188 -8.95 -3.00 13.72
CA LEU A 188 -8.29 -3.87 12.75
C LEU A 188 -9.27 -4.78 12.01
N ASP A 189 -10.55 -4.44 11.95
CA ASP A 189 -11.47 -5.12 11.04
C ASP A 189 -10.98 -5.02 9.61
N TYR A 190 -11.12 -6.12 8.85
CA TYR A 190 -10.51 -6.15 7.53
C TYR A 190 -11.31 -6.99 6.56
N TRP A 191 -11.00 -6.74 5.30
CA TRP A 191 -11.31 -7.62 4.20
C TRP A 191 -10.03 -8.28 3.72
N THR A 192 -10.14 -9.50 3.19
CA THR A 192 -8.98 -10.20 2.66
C THR A 192 -9.30 -10.96 1.40
N TYR A 193 -8.33 -11.01 0.48
CA TYR A 193 -8.45 -11.76 -0.76
C TYR A 193 -7.06 -12.00 -1.31
N PRO A 194 -6.90 -13.00 -2.20
CA PRO A 194 -5.61 -13.26 -2.85
C PRO A 194 -5.42 -12.36 -4.06
N GLY A 195 -4.26 -11.72 -4.14
CA GLY A 195 -4.01 -10.85 -5.28
C GLY A 195 -2.54 -10.69 -5.58
N SER A 196 -2.20 -9.47 -5.99
CA SER A 196 -0.92 -9.19 -6.61
C SER A 196 -0.29 -7.93 -6.08
N LEU A 197 1.00 -7.72 -6.42
CA LEU A 197 1.56 -6.38 -6.34
C LEU A 197 0.78 -5.50 -7.31
N THR A 198 0.63 -4.22 -6.95
CA THR A 198 -0.11 -3.30 -7.80
C THR A 198 0.80 -2.48 -8.72
N THR A 199 2.12 -2.69 -8.62
CA THR A 199 3.09 -2.10 -9.52
C THR A 199 3.81 -3.21 -10.23
N PRO A 200 4.29 -2.98 -11.46
CA PRO A 200 5.19 -3.93 -12.11
C PRO A 200 6.29 -4.40 -11.16
N PRO A 201 6.59 -5.70 -11.06
CA PRO A 201 6.18 -6.74 -12.00
C PRO A 201 4.80 -7.38 -11.78
N LEU A 202 3.96 -6.84 -10.90
CA LEU A 202 2.57 -7.28 -10.80
C LEU A 202 2.44 -8.74 -10.39
N LEU A 203 3.42 -9.25 -9.63
CA LEU A 203 3.49 -10.66 -9.29
C LEU A 203 2.33 -11.03 -8.38
N GLU A 204 1.80 -12.22 -8.64
CA GLU A 204 0.60 -12.71 -7.97
C GLU A 204 0.99 -13.50 -6.69
N CYS A 205 1.50 -12.72 -5.73
CA CYS A 205 2.16 -13.26 -4.56
C CYS A 205 1.62 -12.69 -3.28
N VAL A 206 0.48 -11.97 -3.31
CA VAL A 206 0.06 -11.20 -2.15
C VAL A 206 -1.24 -11.72 -1.55
N THR A 207 -1.22 -11.90 -0.21
CA THR A 207 -2.47 -11.96 0.55
C THR A 207 -2.77 -10.52 0.99
N TRP A 208 -3.84 -9.96 0.45
CA TRP A 208 -4.26 -8.61 0.78
C TRP A 208 -5.08 -8.62 2.06
N ILE A 209 -4.80 -7.65 2.92
CA ILE A 209 -5.55 -7.41 4.16
C ILE A 209 -5.85 -5.91 4.15
N VAL A 210 -7.09 -5.56 3.82
CA VAL A 210 -7.50 -4.15 3.65
C VAL A 210 -8.37 -3.77 4.84
N LEU A 211 -7.91 -2.83 5.65
CA LEU A 211 -8.66 -2.40 6.82
C LEU A 211 -9.92 -1.63 6.40
N LYS A 212 -11.01 -1.88 7.12
CA LYS A 212 -12.24 -1.16 6.88
C LYS A 212 -12.20 0.28 7.31
N GLU A 213 -11.53 0.57 8.42
N GLU A 213 -11.52 0.57 8.42
CA GLU A 213 -11.57 1.92 8.94
CA GLU A 213 -11.53 1.90 8.99
C GLU A 213 -10.45 2.74 8.33
C GLU A 213 -10.43 2.74 8.34
N PRO A 214 -10.76 3.86 7.66
CA PRO A 214 -9.73 4.73 7.14
C PRO A 214 -9.07 5.51 8.26
N ILE A 215 -7.86 6.01 8.00
CA ILE A 215 -7.28 7.05 8.83
C ILE A 215 -7.59 8.40 8.18
N SER A 216 -7.63 9.42 9.01
CA SER A 216 -7.79 10.80 8.57
CA SER A 216 -7.80 10.78 8.52
C SER A 216 -6.45 11.48 8.52
N VAL A 217 -6.17 12.18 7.43
CA VAL A 217 -4.99 13.04 7.30
C VAL A 217 -5.50 14.42 6.92
N SER A 218 -4.70 15.46 7.10
CA SER A 218 -5.18 16.78 6.77
C SER A 218 -4.93 17.08 5.30
N SER A 219 -5.65 18.08 4.82
CA SER A 219 -5.44 18.55 3.47
CA SER A 219 -5.45 18.58 3.47
C SER A 219 -3.98 19.00 3.29
N GLU A 220 -3.41 19.65 4.31
CA GLU A 220 -2.03 20.11 4.22
C GLU A 220 -1.07 18.94 4.09
N GLN A 221 -1.33 17.84 4.80
CA GLN A 221 -0.47 16.67 4.71
C GLN A 221 -0.49 16.08 3.29
N VAL A 222 -1.68 15.88 2.73
CA VAL A 222 -1.78 15.30 1.40
CA VAL A 222 -1.73 15.26 1.41
C VAL A 222 -1.21 16.26 0.36
N LEU A 223 -1.40 17.56 0.57
CA LEU A 223 -0.86 18.52 -0.36
C LEU A 223 0.66 18.39 -0.47
N LYS A 224 1.34 18.05 0.62
CA LYS A 224 2.78 17.84 0.58
C LYS A 224 3.16 16.58 -0.20
N PHE A 225 2.35 15.52 -0.15
CA PHE A 225 2.59 14.38 -1.02
C PHE A 225 2.62 14.84 -2.47
N ARG A 226 1.68 15.72 -2.82
CA ARG A 226 1.46 16.15 -4.19
C ARG A 226 2.53 17.12 -4.69
N LYS A 227 3.46 17.55 -3.83
CA LYS A 227 4.59 18.36 -4.24
C LYS A 227 5.79 17.53 -4.66
N LEU A 228 5.79 16.22 -4.38
CA LEU A 228 6.80 15.34 -4.88
C LEU A 228 6.80 15.34 -6.39
N ASN A 229 7.89 14.82 -6.96
CA ASN A 229 8.10 14.73 -8.38
C ASN A 229 8.40 13.29 -8.81
N PHE A 230 7.76 12.90 -9.92
CA PHE A 230 8.12 11.66 -10.58
C PHE A 230 9.49 11.73 -11.26
N ASN A 231 9.80 12.90 -11.84
CA ASN A 231 11.06 13.14 -12.51
C ASN A 231 12.24 13.22 -11.54
N GLY A 232 13.43 13.01 -12.12
CA GLY A 232 14.71 13.26 -11.48
C GLY A 232 15.08 14.75 -11.37
N GLU A 233 16.04 15.06 -10.46
CA GLU A 233 16.56 16.40 -10.22
C GLU A 233 16.81 17.06 -11.56
N GLY A 234 16.33 18.31 -11.67
CA GLY A 234 16.62 19.14 -12.80
C GLY A 234 15.79 18.81 -14.03
N GLU A 235 15.07 17.69 -14.02
CA GLU A 235 14.33 17.33 -15.21
C GLU A 235 13.01 18.10 -15.25
N PRO A 236 12.28 18.09 -16.39
CA PRO A 236 11.00 18.79 -16.49
C PRO A 236 10.04 18.32 -15.41
N GLU A 237 9.40 19.24 -14.69
CA GLU A 237 8.70 18.85 -13.48
C GLU A 237 7.39 18.19 -13.86
N GLU A 238 7.16 17.01 -13.33
N GLU A 238 7.25 17.00 -13.29
CA GLU A 238 5.87 16.37 -13.42
CA GLU A 238 6.06 16.15 -13.30
C GLU A 238 5.54 15.85 -12.03
C GLU A 238 5.66 15.89 -11.85
N LEU A 239 4.57 16.52 -11.40
CA LEU A 239 4.17 16.24 -10.04
C LEU A 239 3.81 14.77 -9.87
N MET A 240 4.23 14.21 -8.73
CA MET A 240 3.91 12.84 -8.35
C MET A 240 2.50 12.88 -7.76
N VAL A 241 1.53 12.63 -8.64
CA VAL A 241 0.11 12.54 -8.34
C VAL A 241 -0.51 11.46 -9.21
N ASP A 242 -1.60 10.87 -8.71
CA ASP A 242 -2.33 9.84 -9.46
C ASP A 242 -1.44 8.63 -9.73
N ASN A 243 -0.67 8.21 -8.72
CA ASN A 243 0.17 7.04 -8.80
C ASN A 243 -0.55 5.79 -8.29
N TRP A 244 -1.79 5.60 -8.77
CA TRP A 244 -2.63 4.48 -8.38
C TRP A 244 -3.03 3.71 -9.62
N ARG A 245 -3.10 2.39 -9.48
CA ARG A 245 -3.65 1.48 -10.45
C ARG A 245 -5.14 1.36 -10.18
N PRO A 246 -6.00 1.40 -11.21
CA PRO A 246 -7.42 1.20 -10.97
C PRO A 246 -7.78 -0.22 -10.64
N ALA A 247 -9.01 -0.41 -10.17
CA ALA A 247 -9.51 -1.74 -9.84
C ALA A 247 -9.51 -2.66 -11.05
N GLN A 248 -9.11 -3.92 -10.78
CA GLN A 248 -8.97 -4.96 -11.79
C GLN A 248 -10.10 -5.98 -11.60
N PRO A 249 -10.33 -6.85 -12.61
CA PRO A 249 -11.40 -7.84 -12.51
C PRO A 249 -11.19 -8.81 -11.38
N LEU A 250 -12.26 -9.06 -10.62
CA LEU A 250 -12.18 -9.98 -9.49
C LEU A 250 -11.99 -11.42 -9.95
N LYS A 251 -12.57 -11.80 -11.09
CA LYS A 251 -12.41 -13.15 -11.63
C LYS A 251 -12.87 -14.16 -10.60
N ASN A 252 -12.13 -15.26 -10.43
CA ASN A 252 -12.63 -16.33 -9.63
C ASN A 252 -12.11 -16.14 -8.22
N ARG A 253 -12.42 -14.95 -7.55
CA ARG A 253 -12.01 -14.76 -6.18
C ARG A 253 -13.14 -14.35 -5.27
N GLN A 254 -12.96 -14.72 -4.00
CA GLN A 254 -13.85 -14.34 -2.92
C GLN A 254 -13.13 -13.38 -2.02
N ILE A 255 -13.82 -12.29 -1.68
CA ILE A 255 -13.36 -11.38 -0.66
C ILE A 255 -14.06 -11.76 0.66
N LYS A 256 -13.31 -11.93 1.72
CA LYS A 256 -13.84 -12.35 2.98
C LYS A 256 -13.69 -11.22 3.97
N ALA A 257 -14.68 -11.09 4.85
CA ALA A 257 -14.71 -10.07 5.88
C ALA A 257 -14.39 -10.72 7.22
N SER A 258 -13.61 -10.02 8.07
CA SER A 258 -13.26 -10.49 9.39
C SER A 258 -14.37 -10.16 10.39
N PHE A 259 -15.37 -9.36 9.98
CA PHE A 259 -16.31 -8.70 10.89
C PHE A 259 -17.71 -8.91 10.35
N LYS A 260 -18.65 -8.87 11.27
CA LYS A 260 -20.07 -9.12 10.98
C LYS A 260 -20.66 -7.79 10.49
ZN ZN B . 1.26 -0.03 -3.12
#